data_4TRO
#
_entry.id   4TRO
#
_cell.length_a   97.434
_cell.length_b   97.434
_cell.length_c   139.752
_cell.angle_alpha   90.00
_cell.angle_beta   90.00
_cell.angle_gamma   120.00
#
_symmetry.space_group_name_H-M   'P 62 2 2'
#
loop_
_entity.id
_entity.type
_entity.pdbx_description
1 polymer 'Enoyl-[acyl-carrier-protein] reductase [NADH]'
2 non-polymer NICOTINAMIDE-ADENINE-DINUCLEOTIDE
3 non-polymer 'ISONICOTINIC-ACETYL-NICOTINAMIDE-ADENINE DINUCLEOTIDE'
4 non-polymer '4-(2-HYDROXYETHYL)-1-PIPERAZINE ETHANESULFONIC ACID'
5 non-polymer 'DIMETHYL SULFOXIDE'
6 non-polymer 'SODIUM ION'
7 water water
#
_entity_poly.entity_id   1
_entity_poly.type   'polypeptide(L)'
_entity_poly.pdbx_seq_one_letter_code
;MTGLLDGKRILVSGIITDSSIAFHIARVAQEQGAQLVLTGFDRLRLIQRITDRLPAKAPLLELDVQNEEHLASLAGRVTE
AIGAGNKLDGVVHSIGFMPQTGMGINPFFDAPYADVSKGIHISAYSYASMAKALLPIMNPGGSIVGMDFDPSRAMPAYNW
MTVAKSALESVNRFVAREAGKYGVRSNLVAAGPIRTLAMSAIVGGALGEEAGAQIQLLEEGWDQRAPIGWNMKDATPVAK
TVCALLSDWLPATTGDIIYADGGAHTQLL
;
_entity_poly.pdbx_strand_id   A
#
loop_
_chem_comp.id
_chem_comp.type
_chem_comp.name
_chem_comp.formula
DMS non-polymer 'DIMETHYL SULFOXIDE' 'C2 H6 O S'
EPE non-polymer '4-(2-HYDROXYETHYL)-1-PIPERAZINE ETHANESULFONIC ACID' 'C8 H18 N2 O4 S'
NA non-polymer 'SODIUM ION' 'Na 1'
NAD non-polymer NICOTINAMIDE-ADENINE-DINUCLEOTIDE 'C21 H27 N7 O14 P2'
ZID non-polymer 'ISONICOTINIC-ACETYL-NICOTINAMIDE-ADENINE DINUCLEOTIDE' 'C27 H30 N8 O15 P2'
#
# COMPACT_ATOMS: atom_id res chain seq x y z
N THR A 2 26.06 -0.37 6.19
CA THR A 2 25.52 -0.01 4.87
C THR A 2 24.05 -0.57 4.80
N GLY A 3 23.11 0.38 4.73
CA GLY A 3 21.79 0.04 4.71
C GLY A 3 21.37 -0.41 3.26
N LEU A 4 20.36 -1.21 3.23
CA LEU A 4 19.77 -1.72 2.01
C LEU A 4 19.37 -0.60 1.05
N LEU A 5 18.95 0.55 1.58
CA LEU A 5 18.40 1.61 0.79
C LEU A 5 19.31 2.86 0.91
N ASP A 6 20.57 2.77 1.26
N ASP A 6 20.60 2.79 1.28
CA ASP A 6 21.41 3.94 1.50
CA ASP A 6 21.43 3.98 1.53
C ASP A 6 21.42 4.84 0.28
C ASP A 6 21.42 4.83 0.29
N GLY A 7 21.09 6.09 0.53
CA GLY A 7 21.07 7.21 -0.37
C GLY A 7 19.92 7.33 -1.28
N LYS A 8 18.96 6.38 -1.11
CA LYS A 8 17.79 6.40 -1.94
C LYS A 8 16.79 7.40 -1.43
N ARG A 9 16.13 8.09 -2.35
CA ARG A 9 15.08 9.03 -2.01
C ARG A 9 13.75 8.37 -2.34
N ILE A 10 12.90 8.22 -1.34
CA ILE A 10 11.68 7.43 -1.46
C ILE A 10 10.46 8.15 -0.90
N LEU A 11 9.40 8.21 -1.72
CA LEU A 11 8.13 8.74 -1.28
C LEU A 11 7.27 7.65 -0.69
N VAL A 12 6.72 7.89 0.50
CA VAL A 12 5.83 6.94 1.13
C VAL A 12 4.49 7.57 1.44
N SER A 13 3.45 7.04 0.81
CA SER A 13 2.09 7.45 1.05
C SER A 13 1.43 6.52 2.06
N GLY A 14 0.29 6.90 2.60
CA GLY A 14 -0.55 5.97 3.33
C GLY A 14 -0.43 5.88 4.84
N ILE A 15 0.36 6.73 5.47
CA ILE A 15 0.36 6.77 6.93
C ILE A 15 -0.87 7.49 7.42
N ILE A 16 -1.61 6.89 8.33
CA ILE A 16 -2.67 7.58 9.07
C ILE A 16 -2.58 7.31 10.60
N THR A 17 -2.15 6.14 11.01
CA THR A 17 -1.91 5.83 12.42
C THR A 17 -0.58 5.14 12.62
N ASP A 18 -0.15 4.87 13.85
N ASP A 18 -0.12 4.89 13.81
CA ASP A 18 1.07 4.15 14.10
CA ASP A 18 1.10 4.17 14.07
C ASP A 18 0.97 2.66 13.77
C ASP A 18 0.98 2.68 13.75
N SER A 19 -0.24 2.25 13.46
CA SER A 19 -0.51 0.87 12.99
C SER A 19 -0.63 0.73 11.46
N SER A 20 -0.58 1.82 10.72
CA SER A 20 -0.58 1.76 9.27
C SER A 20 0.58 0.94 8.78
N ILE A 21 0.32 0.11 7.76
CA ILE A 21 1.40 -0.64 7.16
C ILE A 21 2.46 0.34 6.67
N ALA A 22 2.06 1.48 6.13
CA ALA A 22 2.98 2.47 5.63
C ALA A 22 3.86 3.03 6.73
N PHE A 23 3.42 3.09 7.95
CA PHE A 23 4.28 3.59 9.03
C PHE A 23 5.50 2.69 9.20
N HIS A 24 5.23 1.38 9.16
CA HIS A 24 6.26 0.39 9.27
C HIS A 24 7.18 0.34 8.07
N ILE A 25 6.61 0.50 6.88
CA ILE A 25 7.42 0.63 5.67
C ILE A 25 8.40 1.81 5.84
N ALA A 26 7.88 2.95 6.25
CA ALA A 26 8.70 4.13 6.44
C ALA A 26 9.74 3.91 7.52
N ARG A 27 9.46 3.31 8.67
N ARG A 27 9.45 3.31 8.65
CA ARG A 27 10.46 3.04 9.72
CA ARG A 27 10.45 3.05 9.69
C ARG A 27 11.60 2.16 9.24
C ARG A 27 11.60 2.16 9.23
N VAL A 28 11.24 1.07 8.57
CA VAL A 28 12.22 0.14 8.05
C VAL A 28 13.09 0.80 6.98
N ALA A 29 12.48 1.54 6.07
CA ALA A 29 13.24 2.19 5.01
C ALA A 29 14.24 3.19 5.62
N GLN A 30 13.84 3.94 6.62
CA GLN A 30 14.77 4.86 7.30
C GLN A 30 15.85 4.13 8.02
N GLU A 31 15.53 3.00 8.64
CA GLU A 31 16.52 2.19 9.32
C GLU A 31 17.55 1.74 8.33
N GLN A 32 17.15 1.56 7.05
CA GLN A 32 18.03 1.11 5.99
C GLN A 32 18.65 2.24 5.17
N GLY A 33 18.60 3.44 5.68
CA GLY A 33 19.29 4.56 5.04
C GLY A 33 18.55 5.40 4.03
N ALA A 34 17.29 5.07 3.80
CA ALA A 34 16.52 5.82 2.83
C ALA A 34 16.22 7.27 3.26
N GLN A 35 16.18 8.29 2.46
N GLN A 35 16.20 8.31 2.47
CA GLN A 35 15.69 9.60 2.78
CA GLN A 35 15.68 9.63 2.80
C GLN A 35 14.31 9.65 2.19
C GLN A 35 14.31 9.65 2.18
N LEU A 36 13.35 9.93 3.05
CA LEU A 36 11.90 9.89 2.74
C LEU A 36 11.25 11.26 2.57
N VAL A 37 10.22 11.24 1.74
CA VAL A 37 9.18 12.25 1.64
C VAL A 37 7.89 11.52 1.93
N LEU A 38 7.04 12.05 2.77
CA LEU A 38 5.76 11.40 3.12
C LEU A 38 4.60 12.15 2.52
N THR A 39 3.54 11.40 2.18
CA THR A 39 2.30 12.02 1.78
C THR A 39 1.17 11.57 2.68
N GLY A 40 0.28 12.47 2.97
CA GLY A 40 -0.84 12.19 3.79
C GLY A 40 -2.13 12.78 3.32
N PHE A 41 -3.22 12.16 3.76
CA PHE A 41 -4.56 12.53 3.34
C PHE A 41 -5.36 13.14 4.49
N ASP A 42 -5.79 14.37 4.27
CA ASP A 42 -6.76 15.09 5.07
C ASP A 42 -6.31 15.54 6.46
N ARG A 43 -5.97 14.61 7.32
CA ARG A 43 -5.63 14.93 8.71
C ARG A 43 -4.14 15.12 8.91
N LEU A 44 -3.63 16.19 8.34
CA LEU A 44 -2.19 16.42 8.31
C LEU A 44 -1.55 16.67 9.67
N ARG A 45 -2.28 17.35 10.55
CA ARG A 45 -1.72 17.56 11.89
C ARG A 45 -1.58 16.25 12.61
N LEU A 46 -2.58 15.41 12.50
CA LEU A 46 -2.49 14.06 13.05
C LEU A 46 -1.36 13.29 12.47
N ILE A 47 -1.25 13.28 11.14
CA ILE A 47 -0.18 12.51 10.52
C ILE A 47 1.20 13.01 10.93
N GLN A 48 1.40 14.32 11.01
CA GLN A 48 2.67 14.84 11.46
C GLN A 48 3.03 14.37 12.84
N ARG A 49 2.07 14.37 13.73
CA ARG A 49 2.28 13.90 15.09
C ARG A 49 2.68 12.45 15.16
N ILE A 50 1.99 11.64 14.34
CA ILE A 50 2.34 10.24 14.22
C ILE A 50 3.74 10.05 13.65
N THR A 51 4.06 10.77 12.57
CA THR A 51 5.34 10.60 11.91
C THR A 51 6.56 11.19 12.66
N ASP A 52 6.28 12.01 13.68
CA ASP A 52 7.31 12.49 14.58
C ASP A 52 8.00 11.34 15.28
N ARG A 53 7.36 10.17 15.31
CA ARG A 53 7.92 9.02 15.94
C ARG A 53 8.81 8.19 15.03
N LEU A 54 8.89 8.51 13.74
CA LEU A 54 9.81 7.85 12.89
C LEU A 54 11.23 8.19 13.29
N PRO A 55 12.18 7.32 12.95
CA PRO A 55 13.56 7.57 13.44
C PRO A 55 14.23 8.77 12.82
N ALA A 56 13.76 9.22 11.66
CA ALA A 56 14.34 10.40 11.06
C ALA A 56 13.29 11.35 10.58
N LYS A 57 13.70 12.60 10.38
CA LYS A 57 12.82 13.60 9.82
C LYS A 57 12.46 13.33 8.42
N ALA A 58 11.23 13.62 8.07
CA ALA A 58 10.81 13.53 6.69
C ALA A 58 9.71 14.55 6.47
N PRO A 59 9.82 15.29 5.36
CA PRO A 59 8.77 16.26 5.04
C PRO A 59 7.49 15.58 4.71
N LEU A 60 6.39 16.21 5.08
CA LEU A 60 5.05 15.70 4.82
C LEU A 60 4.32 16.61 3.89
N LEU A 61 3.82 16.01 2.80
CA LEU A 61 3.08 16.71 1.76
C LEU A 61 1.66 16.21 1.75
N GLU A 62 0.70 17.08 1.50
CA GLU A 62 -0.69 16.68 1.41
C GLU A 62 -0.95 16.02 0.06
N LEU A 63 -1.64 14.88 0.06
CA LEU A 63 -2.11 14.28 -1.16
C LEU A 63 -3.42 13.55 -0.98
N ASP A 64 -4.47 14.10 -1.53
CA ASP A 64 -5.75 13.41 -1.69
C ASP A 64 -5.73 12.90 -3.12
N VAL A 65 -5.74 11.58 -3.32
CA VAL A 65 -5.63 11.03 -4.65
C VAL A 65 -6.86 11.25 -5.53
N GLN A 66 -7.96 11.68 -4.95
CA GLN A 66 -9.11 12.07 -5.74
C GLN A 66 -9.06 13.51 -6.14
N ASN A 67 -8.05 14.23 -5.71
CA ASN A 67 -7.90 15.65 -6.03
C ASN A 67 -6.87 15.91 -7.17
N GLU A 68 -7.39 16.24 -8.34
CA GLU A 68 -6.54 16.39 -9.52
C GLU A 68 -5.54 17.50 -9.35
N GLU A 69 -5.89 18.53 -8.59
CA GLU A 69 -4.95 19.63 -8.35
C GLU A 69 -3.78 19.15 -7.50
N HIS A 70 -4.05 18.31 -6.50
CA HIS A 70 -2.98 17.76 -5.66
C HIS A 70 -2.04 16.95 -6.51
N LEU A 71 -2.60 16.16 -7.40
CA LEU A 71 -1.80 15.30 -8.26
C LEU A 71 -0.96 16.11 -9.24
N ALA A 72 -1.57 17.18 -9.81
CA ALA A 72 -0.89 18.01 -10.77
C ALA A 72 0.28 18.76 -10.16
N SER A 73 0.17 19.10 -8.90
CA SER A 73 1.22 19.84 -8.23
C SER A 73 2.24 18.95 -7.50
N LEU A 74 1.96 17.68 -7.39
CA LEU A 74 2.76 16.83 -6.53
C LEU A 74 4.23 16.76 -6.88
N ALA A 75 4.57 16.57 -8.16
CA ALA A 75 5.99 16.42 -8.51
C ALA A 75 6.77 17.69 -8.13
N GLY A 76 6.19 18.84 -8.38
CA GLY A 76 6.82 20.12 -8.01
C GLY A 76 6.99 20.24 -6.51
N ARG A 77 5.99 19.83 -5.74
CA ARG A 77 6.10 19.88 -4.30
C ARG A 77 7.17 18.90 -3.80
N VAL A 78 7.24 17.70 -4.37
CA VAL A 78 8.30 16.76 -4.01
C VAL A 78 9.67 17.32 -4.36
N THR A 79 9.82 17.89 -5.53
CA THR A 79 11.12 18.42 -5.95
C THR A 79 11.60 19.53 -5.01
N GLU A 80 10.68 20.38 -4.61
CA GLU A 80 11.00 21.41 -3.65
C GLU A 80 11.48 20.74 -2.36
N ALA A 81 10.83 19.66 -1.94
CA ALA A 81 11.25 18.98 -0.71
C ALA A 81 12.60 18.30 -0.75
N ILE A 82 12.94 17.70 -1.88
CA ILE A 82 14.18 16.96 -2.00
C ILE A 82 15.27 17.76 -2.65
N GLY A 83 14.92 18.91 -3.24
CA GLY A 83 15.87 19.81 -3.86
C GLY A 83 15.92 19.68 -5.35
N ALA A 84 16.04 20.84 -6.03
CA ALA A 84 16.10 20.82 -7.45
C ALA A 84 17.28 20.00 -7.89
N GLY A 85 17.11 19.31 -9.01
CA GLY A 85 18.16 18.45 -9.52
C GLY A 85 18.21 17.07 -8.87
N ASN A 86 17.41 16.85 -7.83
CA ASN A 86 17.30 15.49 -7.29
C ASN A 86 15.98 14.87 -7.72
N LYS A 87 16.01 13.56 -7.90
CA LYS A 87 14.81 12.77 -8.22
C LYS A 87 14.58 11.68 -7.23
N LEU A 88 13.39 11.09 -7.27
CA LEU A 88 13.10 9.95 -6.45
C LEU A 88 13.62 8.63 -7.02
N ASP A 89 14.03 7.74 -6.14
CA ASP A 89 14.34 6.39 -6.46
C ASP A 89 13.22 5.42 -6.18
N GLY A 90 12.28 5.80 -5.36
CA GLY A 90 11.18 4.93 -4.97
C GLY A 90 9.93 5.63 -4.62
N VAL A 91 8.83 4.91 -4.84
CA VAL A 91 7.50 5.37 -4.51
C VAL A 91 6.72 4.23 -3.89
N VAL A 92 6.08 4.46 -2.76
CA VAL A 92 5.22 3.48 -2.12
C VAL A 92 3.81 3.98 -2.10
N HIS A 93 2.94 3.23 -2.73
CA HIS A 93 1.50 3.41 -2.67
C HIS A 93 0.96 2.51 -1.59
N SER A 94 0.44 3.06 -0.51
CA SER A 94 -0.16 2.24 0.58
C SER A 94 -1.47 2.86 0.97
N ILE A 95 -2.35 2.92 -0.03
CA ILE A 95 -3.58 3.65 0.01
C ILE A 95 -4.73 2.70 -0.39
N GLY A 96 -5.78 2.67 0.42
CA GLY A 96 -6.96 1.90 0.07
C GLY A 96 -8.14 2.41 0.86
N PHE A 97 -9.30 2.29 0.28
CA PHE A 97 -10.53 2.66 0.91
C PHE A 97 -11.69 2.01 0.21
N MET A 98 -12.69 1.56 0.93
CA MET A 98 -13.95 1.20 0.37
C MET A 98 -15.05 1.63 1.34
N PRO A 99 -16.07 2.32 0.83
CA PRO A 99 -17.14 2.70 1.74
C PRO A 99 -17.80 1.51 2.36
N GLN A 100 -18.42 1.73 3.50
CA GLN A 100 -19.00 0.64 4.31
C GLN A 100 -20.00 -0.18 3.55
N THR A 101 -20.72 0.42 2.60
CA THR A 101 -21.68 -0.32 1.81
C THR A 101 -21.02 -1.39 0.98
N GLY A 102 -19.73 -1.24 0.70
CA GLY A 102 -19.03 -2.16 -0.13
C GLY A 102 -18.30 -3.27 0.62
N MET A 103 -18.43 -3.29 1.94
CA MET A 103 -17.73 -4.26 2.77
C MET A 103 -18.66 -4.82 3.88
N GLY A 104 -18.21 -5.83 4.56
CA GLY A 104 -18.93 -6.37 5.70
C GLY A 104 -20.21 -7.05 5.42
N ILE A 105 -21.17 -6.88 6.33
CA ILE A 105 -22.41 -7.58 6.20
C ILE A 105 -23.33 -6.80 5.23
N ASN A 106 -23.06 -5.62 4.75
N ASN A 106 -23.10 -5.55 4.77
CA ASN A 106 -23.93 -4.96 3.84
CA ASN A 106 -23.99 -4.94 3.78
C ASN A 106 -23.89 -5.89 2.61
C ASN A 106 -23.89 -5.92 2.61
N PRO A 107 -25.07 -6.30 2.09
CA PRO A 107 -25.04 -7.32 1.01
C PRO A 107 -24.27 -6.83 -0.21
N PHE A 108 -23.56 -7.72 -0.86
CA PHE A 108 -22.74 -7.40 -2.03
C PHE A 108 -23.56 -6.66 -3.09
N PHE A 109 -24.77 -7.10 -3.31
CA PHE A 109 -25.64 -6.53 -4.32
C PHE A 109 -26.19 -5.18 -3.98
N ASP A 110 -26.09 -4.80 -2.72
CA ASP A 110 -26.71 -3.56 -2.27
C ASP A 110 -25.76 -2.37 -2.29
N ALA A 111 -24.52 -2.56 -2.65
CA ALA A 111 -23.59 -1.47 -2.72
C ALA A 111 -23.88 -0.64 -3.93
N PRO A 112 -24.18 0.65 -3.74
CA PRO A 112 -24.40 1.53 -4.87
C PRO A 112 -23.14 1.77 -5.66
N TYR A 113 -23.28 1.98 -6.96
CA TYR A 113 -22.09 2.15 -7.79
C TYR A 113 -21.25 3.35 -7.37
N ALA A 114 -21.90 4.41 -6.91
CA ALA A 114 -21.09 5.58 -6.54
C ALA A 114 -20.13 5.21 -5.43
N ASP A 115 -20.54 4.36 -4.53
CA ASP A 115 -19.65 3.91 -3.45
C ASP A 115 -18.51 3.01 -3.95
N VAL A 116 -18.88 2.04 -4.76
CA VAL A 116 -17.88 1.16 -5.38
C VAL A 116 -16.91 1.98 -6.19
N SER A 117 -17.41 2.92 -6.97
CA SER A 117 -16.53 3.73 -7.81
C SER A 117 -15.56 4.56 -7.00
N LYS A 118 -16.00 5.09 -5.87
CA LYS A 118 -15.09 5.84 -5.00
C LYS A 118 -13.99 4.93 -4.50
N GLY A 119 -14.35 3.73 -4.09
CA GLY A 119 -13.39 2.76 -3.62
C GLY A 119 -12.38 2.33 -4.66
N ILE A 120 -12.84 2.11 -5.89
CA ILE A 120 -11.95 1.77 -7.00
C ILE A 120 -11.04 2.96 -7.35
N HIS A 121 -11.58 4.17 -7.26
CA HIS A 121 -10.79 5.34 -7.53
C HIS A 121 -9.60 5.42 -6.59
N ILE A 122 -9.89 5.35 -5.31
CA ILE A 122 -8.87 5.45 -4.31
C ILE A 122 -7.99 4.24 -4.30
N SER A 123 -8.53 3.06 -4.41
CA SER A 123 -7.76 1.83 -4.20
C SER A 123 -7.01 1.29 -5.42
N ALA A 124 -7.46 1.64 -6.63
CA ALA A 124 -6.88 1.07 -7.85
C ALA A 124 -6.43 2.11 -8.85
N TYR A 125 -7.31 2.99 -9.26
CA TYR A 125 -6.95 3.99 -10.25
C TYR A 125 -5.81 4.89 -9.78
N SER A 126 -5.81 5.18 -8.47
CA SER A 126 -4.82 6.03 -7.91
C SER A 126 -3.41 5.51 -8.01
N TYR A 127 -3.23 4.21 -8.18
CA TYR A 127 -1.89 3.69 -8.42
C TYR A 127 -1.37 4.21 -9.75
N ALA A 128 -2.21 4.24 -10.78
CA ALA A 128 -1.86 4.86 -12.04
C ALA A 128 -1.65 6.38 -11.90
N SER A 129 -2.54 7.05 -11.16
CA SER A 129 -2.48 8.51 -11.02
C SER A 129 -1.12 8.81 -10.30
N MET A 130 -0.66 8.10 -9.27
N MET A 130 -0.67 8.10 -9.28
CA MET A 130 0.59 8.44 -8.57
CA MET A 130 0.57 8.43 -8.55
C MET A 130 1.78 8.23 -9.49
C MET A 130 1.76 8.23 -9.47
N ALA A 131 1.73 7.14 -10.25
CA ALA A 131 2.79 6.85 -11.22
C ALA A 131 2.88 7.93 -12.30
N LYS A 132 1.74 8.36 -12.81
CA LYS A 132 1.75 9.45 -13.80
C LYS A 132 2.42 10.70 -13.23
N ALA A 133 2.05 11.03 -12.00
CA ALA A 133 2.60 12.23 -11.34
C ALA A 133 4.07 12.11 -11.10
N LEU A 134 4.52 10.95 -10.70
CA LEU A 134 5.88 10.80 -10.20
C LEU A 134 6.93 10.23 -11.11
N LEU A 135 6.56 9.46 -12.13
CA LEU A 135 7.58 8.93 -13.04
C LEU A 135 8.49 10.02 -13.64
N PRO A 136 7.96 11.20 -13.97
CA PRO A 136 8.80 12.25 -14.52
C PRO A 136 9.88 12.75 -13.56
N ILE A 137 9.75 12.45 -12.29
CA ILE A 137 10.76 12.79 -11.28
C ILE A 137 11.35 11.54 -10.64
N MET A 138 11.41 10.42 -11.37
CA MET A 138 12.07 9.23 -10.90
C MET A 138 13.32 8.91 -11.67
N ASN A 139 14.31 8.43 -10.98
CA ASN A 139 15.57 7.97 -11.59
C ASN A 139 15.44 6.59 -12.22
N PRO A 140 16.25 6.33 -13.25
CA PRO A 140 16.40 4.98 -13.76
C PRO A 140 16.84 4.04 -12.68
N GLY A 141 16.33 2.84 -12.68
CA GLY A 141 16.61 1.90 -11.59
C GLY A 141 15.63 2.02 -10.45
N GLY A 142 14.71 2.96 -10.56
CA GLY A 142 13.73 3.21 -9.51
C GLY A 142 12.65 2.16 -9.41
N SER A 143 11.86 2.26 -8.38
CA SER A 143 10.87 1.25 -8.01
C SER A 143 9.59 1.87 -7.46
N ILE A 144 8.47 1.46 -8.03
CA ILE A 144 7.17 1.81 -7.52
C ILE A 144 6.55 0.55 -6.92
N VAL A 145 6.09 0.63 -5.68
CA VAL A 145 5.50 -0.51 -4.98
C VAL A 145 4.15 -0.13 -4.43
N GLY A 146 3.15 -0.99 -4.62
CA GLY A 146 1.83 -0.84 -4.06
C GLY A 146 1.45 -2.00 -3.18
N MET A 147 0.53 -1.75 -2.26
CA MET A 147 0.04 -2.79 -1.35
C MET A 147 -1.22 -3.46 -1.90
N ASP A 148 -1.21 -4.78 -1.85
CA ASP A 148 -2.25 -5.60 -2.45
C ASP A 148 -2.76 -6.66 -1.43
N PHE A 149 -3.90 -7.32 -1.59
N PHE A 149 -3.90 -7.29 -1.59
CA PHE A 149 -4.33 -8.47 -0.75
CA PHE A 149 -4.11 -8.53 -0.93
C PHE A 149 -4.71 -9.35 -1.95
C PHE A 149 -4.71 -9.37 -2.00
N ASP A 150 -4.39 -10.62 -1.95
CA ASP A 150 -4.68 -11.60 -3.03
C ASP A 150 -6.19 -11.72 -3.23
N PRO A 151 -6.67 -11.29 -4.44
CA PRO A 151 -8.08 -11.26 -4.74
C PRO A 151 -8.39 -12.40 -5.75
N SER A 152 -7.58 -13.39 -5.98
N SER A 152 -7.58 -13.41 -5.95
CA SER A 152 -7.83 -14.36 -7.04
CA SER A 152 -7.78 -14.44 -6.96
C SER A 152 -8.99 -15.29 -6.73
C SER A 152 -8.99 -15.28 -6.71
N ARG A 153 -9.39 -15.34 -5.48
N ARG A 153 -9.38 -15.37 -5.46
CA ARG A 153 -10.53 -16.12 -5.02
CA ARG A 153 -10.53 -16.14 -5.02
C ARG A 153 -11.35 -15.19 -4.16
C ARG A 153 -11.35 -15.18 -4.15
N ALA A 154 -12.66 -15.37 -4.22
CA ALA A 154 -13.61 -14.55 -3.43
C ALA A 154 -13.55 -14.88 -1.92
N MET A 155 -13.82 -13.91 -1.05
N MET A 155 -13.82 -13.90 -1.07
CA MET A 155 -13.72 -14.07 0.39
CA MET A 155 -13.79 -14.15 0.35
C MET A 155 -15.00 -13.41 0.96
C MET A 155 -14.99 -13.41 0.93
N PRO A 156 -15.41 -13.90 2.09
CA PRO A 156 -16.41 -13.18 2.86
C PRO A 156 -15.94 -11.81 3.31
N ALA A 157 -16.89 -10.91 3.45
CA ALA A 157 -16.72 -9.58 4.04
C ALA A 157 -15.96 -8.56 3.22
N TYR A 158 -14.88 -8.95 2.59
CA TYR A 158 -14.07 -8.00 1.83
C TYR A 158 -14.77 -7.53 0.59
N ASN A 159 -15.68 -8.32 0.06
CA ASN A 159 -16.63 -7.87 -0.95
C ASN A 159 -16.03 -7.01 -2.05
N TRP A 160 -16.47 -5.77 -2.18
CA TRP A 160 -16.02 -4.92 -3.27
C TRP A 160 -14.54 -4.49 -3.13
N MET A 161 -14.00 -4.51 -1.92
CA MET A 161 -12.58 -4.24 -1.79
C MET A 161 -11.78 -5.32 -2.53
N THR A 162 -12.22 -6.55 -2.53
CA THR A 162 -11.55 -7.60 -3.31
C THR A 162 -11.62 -7.29 -4.80
N VAL A 163 -12.75 -6.81 -5.28
CA VAL A 163 -12.85 -6.40 -6.66
C VAL A 163 -11.89 -5.24 -6.95
N ALA A 164 -11.76 -4.30 -6.03
CA ALA A 164 -10.83 -3.21 -6.21
C ALA A 164 -9.42 -3.70 -6.32
N LYS A 165 -9.04 -4.69 -5.51
CA LYS A 165 -7.70 -5.28 -5.61
C LYS A 165 -7.47 -6.01 -6.93
N SER A 166 -8.49 -6.69 -7.42
CA SER A 166 -8.35 -7.30 -8.74
C SER A 166 -8.06 -6.25 -9.78
N ALA A 167 -8.73 -5.12 -9.70
CA ALA A 167 -8.49 -3.99 -10.62
C ALA A 167 -7.06 -3.45 -10.42
N LEU A 168 -6.62 -3.31 -9.18
CA LEU A 168 -5.28 -2.82 -8.88
C LEU A 168 -4.22 -3.71 -9.49
N GLU A 169 -4.37 -5.02 -9.40
CA GLU A 169 -3.40 -5.92 -9.99
C GLU A 169 -3.29 -5.71 -11.50
N SER A 170 -4.42 -5.50 -12.15
CA SER A 170 -4.42 -5.22 -13.56
C SER A 170 -3.78 -3.88 -13.86
N VAL A 171 -4.10 -2.85 -13.11
CA VAL A 171 -3.47 -1.54 -13.26
C VAL A 171 -1.95 -1.64 -13.12
N ASN A 172 -1.46 -2.39 -12.16
CA ASN A 172 -0.03 -2.52 -11.97
C ASN A 172 0.65 -3.05 -13.24
N ARG A 173 0.05 -4.01 -13.93
CA ARG A 173 0.64 -4.55 -15.12
C ARG A 173 0.75 -3.51 -16.22
N PHE A 174 -0.22 -2.66 -16.35
CA PHE A 174 -0.13 -1.51 -17.29
C PHE A 174 0.84 -0.42 -16.86
N VAL A 175 0.87 -0.12 -15.57
CA VAL A 175 1.81 0.86 -15.04
C VAL A 175 3.24 0.37 -15.32
N ALA A 176 3.48 -0.92 -15.22
CA ALA A 176 4.82 -1.44 -15.52
C ALA A 176 5.24 -1.13 -16.96
N ARG A 177 4.33 -1.17 -17.91
CA ARG A 177 4.68 -0.82 -19.27
C ARG A 177 5.14 0.61 -19.37
N GLU A 178 4.44 1.52 -18.76
CA GLU A 178 4.85 2.94 -18.77
C GLU A 178 6.09 3.19 -18.00
N ALA A 179 6.19 2.59 -16.82
CA ALA A 179 7.35 2.78 -15.95
C ALA A 179 8.64 2.29 -16.57
N GLY A 180 8.55 1.22 -17.35
CA GLY A 180 9.72 0.67 -17.98
C GLY A 180 10.40 1.65 -18.94
N LYS A 181 9.64 2.56 -19.52
CA LYS A 181 10.20 3.58 -20.40
C LYS A 181 11.17 4.49 -19.66
N TYR A 182 10.98 4.60 -18.36
CA TYR A 182 11.84 5.38 -17.46
C TYR A 182 12.89 4.55 -16.76
N GLY A 183 12.96 3.27 -17.08
CA GLY A 183 13.85 2.38 -16.37
C GLY A 183 13.36 2.06 -14.99
N VAL A 184 12.09 2.15 -14.74
CA VAL A 184 11.50 2.00 -13.40
C VAL A 184 10.64 0.75 -13.33
N ARG A 185 10.74 0.04 -12.24
CA ARG A 185 9.92 -1.14 -11.94
C ARG A 185 8.64 -0.77 -11.24
N SER A 186 7.59 -1.58 -11.44
CA SER A 186 6.33 -1.44 -10.74
C SER A 186 5.88 -2.80 -10.24
N ASN A 187 5.61 -2.93 -8.96
CA ASN A 187 5.20 -4.21 -8.39
C ASN A 187 4.31 -4.00 -7.22
N LEU A 188 3.56 -5.04 -6.88
CA LEU A 188 2.75 -5.06 -5.70
C LEU A 188 3.23 -6.03 -4.69
N VAL A 189 3.03 -5.73 -3.43
CA VAL A 189 3.20 -6.69 -2.35
C VAL A 189 1.85 -7.11 -1.85
N ALA A 190 1.55 -8.38 -2.00
CA ALA A 190 0.34 -8.97 -1.49
C ALA A 190 0.58 -9.47 -0.08
N ALA A 191 0.03 -8.75 0.89
CA ALA A 191 0.24 -9.06 2.30
C ALA A 191 -0.87 -9.96 2.81
N GLY A 192 -0.51 -10.72 3.84
CA GLY A 192 -1.49 -11.35 4.65
C GLY A 192 -2.19 -10.31 5.51
N PRO A 193 -3.21 -10.77 6.26
CA PRO A 193 -4.01 -9.87 7.08
C PRO A 193 -3.24 -9.25 8.21
N ILE A 194 -3.37 -7.94 8.37
CA ILE A 194 -2.63 -7.19 9.40
C ILE A 194 -3.65 -6.45 10.24
N ARG A 195 -3.50 -6.55 11.56
CA ARG A 195 -4.43 -5.94 12.50
C ARG A 195 -4.12 -4.47 12.72
N THR A 196 -4.48 -3.69 11.72
CA THR A 196 -4.51 -2.24 11.80
C THR A 196 -5.66 -1.84 12.64
N LEU A 197 -5.75 -0.55 12.95
CA LEU A 197 -6.88 -0.09 13.73
C LEU A 197 -8.20 -0.42 13.05
N ALA A 198 -8.30 -0.13 11.76
CA ALA A 198 -9.53 -0.41 11.04
C ALA A 198 -9.87 -1.88 11.03
N MET A 199 -8.89 -2.75 10.85
CA MET A 199 -9.17 -4.17 10.83
C MET A 199 -9.57 -4.68 12.20
N SER A 200 -8.95 -4.16 13.25
CA SER A 200 -9.35 -4.52 14.58
C SER A 200 -10.81 -4.08 14.87
N ALA A 201 -11.17 -2.89 14.40
CA ALA A 201 -12.54 -2.44 14.55
C ALA A 201 -13.52 -3.35 13.83
N ILE A 202 -13.17 -3.78 12.63
CA ILE A 202 -14.01 -4.69 11.84
C ILE A 202 -14.15 -6.06 12.51
N VAL A 203 -13.04 -6.60 13.02
CA VAL A 203 -13.11 -7.84 13.73
C VAL A 203 -13.99 -7.69 14.95
N GLY A 204 -13.97 -6.53 15.56
CA GLY A 204 -14.80 -6.22 16.69
C GLY A 204 -16.26 -5.98 16.39
N GLY A 205 -16.64 -6.09 15.13
CA GLY A 205 -18.01 -5.89 14.71
C GLY A 205 -18.44 -4.59 14.06
N ALA A 206 -17.51 -3.73 13.71
CA ALA A 206 -17.88 -2.38 13.22
C ALA A 206 -18.72 -2.45 11.93
N LEU A 207 -18.52 -3.50 11.12
CA LEU A 207 -19.27 -3.68 9.87
C LEU A 207 -20.20 -4.84 9.95
N GLY A 208 -20.63 -5.13 11.16
CA GLY A 208 -21.53 -6.24 11.46
C GLY A 208 -20.87 -7.40 12.12
N GLU A 209 -21.60 -8.11 12.99
CA GLU A 209 -20.99 -9.24 13.70
C GLU A 209 -20.59 -10.40 12.80
N GLU A 210 -21.38 -10.72 11.80
CA GLU A 210 -21.10 -11.86 10.97
C GLU A 210 -19.81 -11.59 10.21
N ALA A 211 -19.64 -10.38 9.75
CA ALA A 211 -18.41 -10.03 9.02
C ALA A 211 -17.22 -10.08 9.88
N GLY A 212 -17.33 -9.61 11.14
CA GLY A 212 -16.23 -9.76 12.02
C GLY A 212 -15.89 -11.17 12.30
N ALA A 213 -16.90 -12.01 12.51
CA ALA A 213 -16.63 -13.41 12.71
C ALA A 213 -15.93 -14.06 11.53
N GLN A 214 -16.34 -13.74 10.33
CA GLN A 214 -15.74 -14.28 9.13
C GLN A 214 -14.29 -13.89 8.96
N ILE A 215 -13.99 -12.63 9.24
CA ILE A 215 -12.59 -12.17 9.19
C ILE A 215 -11.73 -12.83 10.24
N GLN A 216 -12.27 -13.04 11.44
CA GLN A 216 -11.51 -13.73 12.43
C GLN A 216 -11.18 -15.15 11.96
N LEU A 217 -12.14 -15.85 11.38
CA LEU A 217 -11.89 -17.15 10.80
C LEU A 217 -10.86 -17.13 9.69
N LEU A 218 -10.93 -16.14 8.87
CA LEU A 218 -9.92 -16.00 7.81
C LEU A 218 -8.53 -15.82 8.37
N GLU A 219 -8.34 -15.01 9.37
CA GLU A 219 -7.02 -14.81 9.96
C GLU A 219 -6.49 -16.08 10.58
N GLU A 220 -7.34 -16.82 11.25
CA GLU A 220 -6.87 -18.04 11.86
C GLU A 220 -6.45 -19.02 10.80
N GLY A 221 -7.23 -19.17 9.75
CA GLY A 221 -6.89 -20.07 8.66
C GLY A 221 -5.58 -19.67 8.01
N TRP A 222 -5.29 -18.40 7.93
CA TRP A 222 -4.08 -17.93 7.31
C TRP A 222 -2.83 -18.41 8.04
N ASP A 223 -2.78 -18.25 9.32
CA ASP A 223 -1.68 -18.75 10.13
C ASP A 223 -1.56 -20.24 10.03
N GLN A 224 -2.71 -20.93 10.01
CA GLN A 224 -2.70 -22.37 9.85
C GLN A 224 -2.10 -22.80 8.50
N ARG A 225 -2.50 -22.21 7.42
CA ARG A 225 -2.06 -22.55 6.08
C ARG A 225 -0.62 -22.15 5.84
N ALA A 226 -0.15 -21.09 6.46
CA ALA A 226 1.20 -20.57 6.21
C ALA A 226 2.25 -21.54 6.74
N PRO A 227 3.12 -22.03 5.85
CA PRO A 227 4.14 -22.99 6.30
C PRO A 227 5.11 -22.42 7.31
N ILE A 228 5.32 -21.11 7.29
CA ILE A 228 6.19 -20.46 8.29
C ILE A 228 5.37 -19.64 9.29
N GLY A 229 4.08 -19.82 9.29
CA GLY A 229 3.18 -19.10 10.15
C GLY A 229 2.91 -17.68 9.68
N TRP A 230 1.94 -17.04 10.29
CA TRP A 230 1.59 -15.67 9.99
C TRP A 230 1.21 -14.96 11.25
N ASN A 231 1.85 -13.86 11.56
CA ASN A 231 1.53 -13.03 12.71
C ASN A 231 0.86 -11.74 12.26
N MET A 232 -0.44 -11.68 12.39
CA MET A 232 -1.22 -10.53 11.99
C MET A 232 -0.92 -9.27 12.79
N LYS A 233 -0.25 -9.42 13.92
CA LYS A 233 0.14 -8.28 14.73
C LYS A 233 1.50 -7.71 14.38
N ASP A 234 2.17 -8.28 13.39
CA ASP A 234 3.52 -7.85 13.04
C ASP A 234 3.60 -7.44 11.58
N ALA A 235 3.64 -6.15 11.31
CA ALA A 235 3.80 -5.65 9.93
C ALA A 235 5.24 -5.64 9.42
N THR A 236 6.22 -5.92 10.28
CA THR A 236 7.62 -5.77 9.87
C THR A 236 7.99 -6.65 8.66
N PRO A 237 7.51 -7.92 8.62
CA PRO A 237 7.87 -8.74 7.47
C PRO A 237 7.32 -8.18 6.15
N VAL A 238 6.19 -7.54 6.20
CA VAL A 238 5.64 -6.85 5.07
C VAL A 238 6.48 -5.65 4.69
N ALA A 239 6.83 -4.86 5.67
CA ALA A 239 7.66 -3.69 5.43
C ALA A 239 8.99 -4.09 4.83
N LYS A 240 9.60 -5.16 5.34
CA LYS A 240 10.85 -5.64 4.79
C LYS A 240 10.73 -6.03 3.31
N THR A 241 9.65 -6.68 2.96
CA THR A 241 9.41 -7.10 1.58
C THR A 241 9.26 -5.89 0.66
N VAL A 242 8.56 -4.87 1.10
CA VAL A 242 8.48 -3.62 0.33
C VAL A 242 9.87 -3.04 0.14
N CYS A 243 10.67 -3.04 1.19
CA CYS A 243 12.05 -2.54 1.06
C CYS A 243 12.90 -3.39 0.09
N ALA A 244 12.68 -4.69 0.06
CA ALA A 244 13.38 -5.53 -0.91
C ALA A 244 13.09 -5.07 -2.33
N LEU A 245 11.82 -4.80 -2.61
CA LEU A 245 11.43 -4.29 -3.92
C LEU A 245 11.93 -2.90 -4.21
N LEU A 246 12.05 -2.07 -3.21
CA LEU A 246 12.65 -0.73 -3.37
C LEU A 246 14.15 -0.78 -3.62
N SER A 247 14.79 -1.87 -3.25
CA SER A 247 16.23 -2.01 -3.33
C SER A 247 16.67 -2.39 -4.73
N ASP A 248 17.96 -2.60 -4.89
CA ASP A 248 18.55 -2.97 -6.15
C ASP A 248 18.57 -4.48 -6.35
N TRP A 249 17.94 -5.24 -5.46
CA TRP A 249 18.09 -6.70 -5.41
C TRP A 249 17.02 -7.51 -6.11
N LEU A 250 16.01 -6.87 -6.68
CA LEU A 250 15.01 -7.56 -7.53
C LEU A 250 14.89 -6.77 -8.84
N PRO A 251 16.01 -6.66 -9.55
CA PRO A 251 16.13 -5.77 -10.66
C PRO A 251 15.43 -6.24 -11.95
N ALA A 252 15.00 -7.48 -12.03
CA ALA A 252 14.39 -8.03 -13.20
C ALA A 252 12.94 -8.39 -12.97
N THR A 253 12.33 -7.82 -11.95
CA THR A 253 10.93 -8.10 -11.61
C THR A 253 10.09 -6.84 -11.78
N THR A 254 9.05 -6.92 -12.63
CA THR A 254 8.18 -5.80 -12.82
C THR A 254 6.82 -6.28 -13.32
N GLY A 255 5.80 -5.48 -13.10
CA GLY A 255 4.43 -5.86 -13.40
C GLY A 255 3.89 -6.98 -12.54
N ASP A 256 4.57 -7.24 -11.42
CA ASP A 256 4.45 -8.49 -10.69
C ASP A 256 3.91 -8.30 -9.31
N ILE A 257 3.69 -9.40 -8.63
CA ILE A 257 3.17 -9.46 -7.29
C ILE A 257 4.07 -10.34 -6.47
N ILE A 258 4.55 -9.83 -5.36
CA ILE A 258 5.31 -10.57 -4.38
C ILE A 258 4.47 -10.80 -3.16
N TYR A 259 4.37 -12.04 -2.74
CA TYR A 259 3.46 -12.42 -1.65
C TYR A 259 4.19 -12.48 -0.33
N ALA A 260 3.89 -11.53 0.54
CA ALA A 260 4.37 -11.48 1.91
C ALA A 260 3.24 -11.94 2.81
N ASP A 261 2.99 -13.23 2.81
CA ASP A 261 1.80 -13.79 3.40
C ASP A 261 2.06 -15.07 4.16
N GLY A 262 3.31 -15.36 4.47
CA GLY A 262 3.68 -16.58 5.15
C GLY A 262 3.64 -17.81 4.28
N GLY A 263 3.42 -17.63 2.99
CA GLY A 263 3.21 -18.75 2.07
C GLY A 263 1.79 -19.27 2.04
N ALA A 264 0.87 -18.61 2.70
CA ALA A 264 -0.50 -19.13 2.83
C ALA A 264 -1.14 -19.35 1.49
N HIS A 265 -0.89 -18.51 0.51
CA HIS A 265 -1.59 -18.67 -0.76
C HIS A 265 -1.11 -19.87 -1.55
N THR A 266 -0.05 -20.52 -1.10
CA THR A 266 0.49 -21.69 -1.79
C THR A 266 -0.03 -23.00 -1.27
N GLN A 267 -0.87 -22.95 -0.23
CA GLN A 267 -1.31 -24.12 0.46
C GLN A 267 -2.85 -24.13 0.53
N LEU A 268 -3.45 -25.26 0.30
CA LEU A 268 -4.89 -25.33 0.35
C LEU A 268 -5.31 -25.45 1.74
N LEU A 269 -4.63 -26.27 2.47
CA LEU A 269 -4.92 -26.52 3.85
C LEU A 269 -3.61 -27.10 4.40
PA NAD B . -4.46 2.35 6.73
O1A NAD B . -5.86 2.91 6.91
O2A NAD B . -3.41 2.44 7.82
O5B NAD B . -3.88 2.82 5.33
C5B NAD B . -4.72 3.29 4.27
C4B NAD B . -4.25 4.68 3.93
O4B NAD B . -4.96 5.09 2.75
C3B NAD B . -4.56 5.73 5.04
O3B NAD B . -3.39 6.46 5.36
C2B NAD B . -5.58 6.64 4.34
O2B NAD B . -5.63 7.99 4.85
C1B NAD B . -5.11 6.48 2.89
N9A NAD B . -6.07 7.13 2.00
C8A NAD B . -7.41 6.98 2.06
N7A NAD B . -8.01 7.80 1.17
C5A NAD B . -7.05 8.51 0.56
C6A NAD B . -6.99 9.57 -0.46
N6A NAD B . -8.09 10.07 -1.05
N1A NAD B . -5.77 10.04 -0.75
C2A NAD B . -4.65 9.56 -0.21
N3A NAD B . -4.62 8.61 0.75
C4A NAD B . -5.77 8.09 1.15
O3 NAD B . -4.73 0.77 6.40
PN NAD B . -3.52 -0.26 5.98
O1N NAD B . -2.18 0.28 6.44
O2N NAD B . -4.02 -1.60 6.49
O5D NAD B . -3.63 -0.24 4.36
C5D NAD B . -2.57 0.23 3.55
C4D NAD B . -2.65 -0.51 2.22
O4D NAD B . -2.33 -1.90 2.45
C3D NAD B . -4.06 -0.51 1.63
O3D NAD B . -4.02 -0.56 0.18
C2D NAD B . -4.67 -1.85 2.05
O2D NAD B . -5.74 -2.31 1.23
C1D NAD B . -3.40 -2.72 1.94
N1N NAD B . -3.46 -4.01 2.64
C2N NAD B . -3.86 -4.05 3.89
C3N NAD B . -3.88 -5.27 4.58
C7N NAD B . -4.38 -5.30 6.03
O7N NAD B . -4.43 -4.25 6.80
N7N NAD B . -4.73 -6.49 6.41
C4N NAD B . -3.48 -6.46 3.88
C5N NAD B . -2.96 -6.36 2.57
C6N NAD B . -2.98 -5.09 1.98
PA ZID C . -4.81 2.18 6.90
O1A ZID C . -6.24 2.45 7.22
O2A ZID C . -3.74 2.52 7.91
O5B ZID C . -4.29 3.07 5.65
C5B ZID C . -5.10 3.31 4.47
C4B ZID C . -4.66 4.67 3.97
O4B ZID C . -5.46 5.07 2.84
C3B ZID C . -4.74 5.79 5.00
O3B ZID C . -3.46 6.39 5.17
C2B ZID C . -5.69 6.81 4.36
O2B ZID C . -5.36 8.15 4.69
C1B ZID C . -5.48 6.48 2.89
N9A ZID C . -6.49 7.00 1.98
C8A ZID C . -7.85 6.78 1.97
N7A ZID C . -8.51 7.56 1.16
C5A ZID C . -7.52 8.36 0.58
C6A ZID C . -7.57 9.42 -0.34
N6A ZID C . -8.70 9.97 -0.77
N1A ZID C . -6.40 9.93 -0.76
C2A ZID C . -5.27 9.44 -0.26
N3A ZID C . -5.11 8.49 0.67
C4A ZID C . -6.28 7.99 1.06
O3 ZID C . -4.49 0.69 6.56
PN ZID C . -3.50 -0.33 5.80
O1N ZID C . -2.11 -0.05 6.24
O2N ZID C . -4.07 -1.69 5.97
O5D ZID C . -3.73 0.12 4.27
C5D ZID C . -2.58 0.28 3.42
C4D ZID C . -2.63 -0.64 2.22
O4D ZID C . -2.35 -2.00 2.66
C3D ZID C . -3.95 -0.72 1.46
O3D ZID C . -3.73 -0.85 0.05
C2D ZID C . -4.57 -2.03 1.96
O2D ZID C . -5.53 -2.61 1.08
C1D ZID C . -3.30 -2.86 2.07
N1N ZID C . -3.48 -4.12 2.87
C2N ZID C . -3.94 -4.13 4.14
C3N ZID C . -4.24 -5.31 4.75
C7N ZID C . -4.65 -5.40 6.19
O7N ZID C . -4.41 -4.42 7.03
N7N ZID C . -5.22 -6.52 6.52
C4N ZID C . -4.11 -6.62 4.03
C5N ZID C . -3.49 -6.51 2.75
C6N ZID C . -3.21 -5.31 2.21
C7Z ZID C . -5.59 -7.10 3.71
O7Z ZID C . -6.54 -6.15 3.71
N1Z ZID C . -6.43 -11.21 2.87
C2Z ZID C . -7.37 -10.26 2.76
C3Z ZID C . -7.15 -8.92 3.08
C4Z ZID C . -5.89 -8.52 3.45
C5Z ZID C . -4.91 -9.50 3.58
C6Z ZID C . -5.23 -10.82 3.30
N1 EPE D . -6.17 20.22 5.46
C2 EPE D . -5.52 21.13 4.49
C3 EPE D . -6.44 21.56 3.39
N4 EPE D . -7.24 20.46 2.88
C5 EPE D . -7.72 19.37 3.71
C6 EPE D . -6.98 19.07 5.00
C7 EPE D . -8.08 20.67 1.66
C8 EPE D . -7.60 19.75 0.55
O8 EPE D . -8.24 18.51 0.68
C9 EPE D . -5.44 20.06 6.76
C10 EPE D . -6.45 19.77 7.91
S EPE D . -5.67 19.62 9.44
O1S EPE D . -6.57 18.88 10.44
O2S EPE D . -5.47 21.13 9.85
O3S EPE D . -4.42 18.85 9.38
N1 EPE E . 2.95 -4.07 13.54
C2 EPE E . 2.69 -3.35 14.78
C3 EPE E . 3.69 -3.28 15.95
N4 EPE E . 4.59 -4.42 15.91
C5 EPE E . 5.26 -4.23 14.64
C6 EPE E . 4.32 -4.59 13.46
C9 EPE E . 1.71 -4.25 12.70
C10 EPE E . 0.75 -3.04 12.24
S EPE E . -0.64 -3.21 13.15
O1S EPE E . -0.66 -4.64 13.73
O2S EPE E . -0.29 -2.46 14.33
O3S EPE E . -1.79 -2.84 12.33
S DMS F . 4.74 -16.81 12.98
O DMS F . 4.55 -15.94 14.15
C1 DMS F . 5.29 -16.01 11.57
C2 DMS F . 6.07 -17.84 13.33
S DMS G . 11.97 -17.08 8.49
O DMS G . 12.93 -17.35 7.19
C1 DMS G . 11.25 -15.57 8.30
C2 DMS G . 10.80 -18.34 8.47
S DMS H . 3.60 10.82 -18.23
O DMS H . 3.85 9.38 -18.32
C1 DMS H . 1.91 11.18 -18.37
C2 DMS H . 3.63 11.09 -16.59
S DMS I . -6.26 12.75 -16.56
O DMS I . -7.07 13.53 -17.55
C1 DMS I . -4.79 13.49 -16.17
C2 DMS I . -6.93 12.89 -14.99
NA NA J . 1.05 -22.78 9.69
NA NA K . 17.90 -0.13 -8.55
#